data_8ZC7
#
_entry.id   8ZC7
#
_cell.length_a   113.357
_cell.length_b   113.357
_cell.length_c   110.044
_cell.angle_alpha   90.00
_cell.angle_beta   90.00
_cell.angle_gamma   120.00
#
_symmetry.space_group_name_H-M   'P 31 2 1'
#
loop_
_entity.id
_entity.type
_entity.pdbx_description
1 polymer MitM
2 water water
#
_entity_poly.entity_id   1
_entity_poly.type   'polypeptide(L)'
_entity_poly.pdbx_seq_one_letter_code
;MPHSELSELPMPSPASEEVGALYDRFTALGAASLGENLHFGYWDSPDSQVPLAEATDRLTDMMAERLRIGAGSRVLDLGC
GVGTPGVRIARLSGAHVTGISVSHEQVVRANALAEEAGLADRARFQRADAMDLPFEDESFDAVIALESIIHMPDRAQVLA
QVGRVLRPGGRLVLTDFFERAPLAPEGRAAVQRYLHDFMMTMVSAEAYPPLLRGAGLWLEEFLDISDQTLEKTFRLLSER
INSSKQRLETQFGEEMVNQFDPGDLVGVKEFGYLLLVAQRPGKHHHHHH
;
_entity_poly.pdbx_strand_id   A,B
#
# COMPACT_ATOMS: atom_id res chain seq x y z
N LEU A 6 14.86 11.02 8.11
CA LEU A 6 14.47 11.66 6.84
C LEU A 6 15.59 12.57 6.32
N SER A 7 16.29 13.19 7.26
CA SER A 7 17.21 14.31 7.03
C SER A 7 18.61 13.96 7.55
N GLU A 8 19.06 12.75 7.27
CA GLU A 8 20.37 12.30 7.71
C GLU A 8 21.37 12.25 6.57
N LEU A 9 20.97 11.65 5.43
CA LEU A 9 21.99 11.58 4.41
C LEU A 9 21.96 12.79 3.49
N PRO A 10 23.15 13.22 3.08
CA PRO A 10 23.24 14.19 1.98
C PRO A 10 22.80 13.57 0.66
N MET A 11 21.88 14.26 -0.02
CA MET A 11 21.35 13.93 -1.32
C MET A 11 21.65 15.08 -2.29
N PRO A 12 22.05 14.78 -3.52
CA PRO A 12 22.10 15.84 -4.54
C PRO A 12 20.69 16.29 -4.83
N SER A 13 20.57 17.49 -5.39
CA SER A 13 19.27 17.90 -5.91
C SER A 13 19.40 17.94 -7.44
N PRO A 14 19.04 16.86 -8.13
CA PRO A 14 19.42 16.75 -9.56
C PRO A 14 18.75 17.78 -10.45
N ALA A 15 19.51 18.25 -11.43
CA ALA A 15 19.00 19.14 -12.47
C ALA A 15 18.71 18.33 -13.73
N SER A 16 17.57 18.63 -14.39
CA SER A 16 17.18 17.89 -15.58
C SER A 16 18.30 17.82 -16.62
N GLU A 17 18.87 18.97 -17.00
CA GLU A 17 19.83 18.92 -18.10
C GLU A 17 21.12 18.22 -17.67
N GLU A 18 21.47 18.28 -16.39
CA GLU A 18 22.66 17.54 -15.93
C GLU A 18 22.41 16.04 -15.86
N VAL A 19 21.18 15.62 -15.53
CA VAL A 19 20.84 14.19 -15.59
C VAL A 19 20.81 13.72 -17.04
N GLY A 20 20.25 14.56 -17.93
CA GLY A 20 20.31 14.28 -19.35
C GLY A 20 21.72 14.05 -19.86
N ALA A 21 22.68 14.87 -19.42
CA ALA A 21 24.07 14.69 -19.84
C ALA A 21 24.67 13.40 -19.27
N LEU A 22 24.39 13.10 -17.99
CA LEU A 22 24.90 11.85 -17.42
C LEU A 22 24.43 10.66 -18.24
N TYR A 23 23.15 10.65 -18.60
CA TYR A 23 22.56 9.46 -19.20
C TYR A 23 22.83 9.39 -20.70
N ASP A 24 22.94 10.54 -21.39
CA ASP A 24 23.46 10.55 -22.75
C ASP A 24 24.75 9.75 -22.81
N ARG A 25 25.64 9.97 -21.84
CA ARG A 25 26.92 9.26 -21.82
C ARG A 25 26.72 7.78 -21.50
N PHE A 26 25.81 7.46 -20.57
CA PHE A 26 25.47 6.06 -20.30
C PHE A 26 24.98 5.39 -21.56
N THR A 27 23.98 6.02 -22.19
CA THR A 27 23.36 5.46 -23.38
C THR A 27 24.35 5.34 -24.53
N ALA A 28 25.13 6.39 -24.77
CA ALA A 28 25.99 6.47 -25.94
C ALA A 28 27.16 5.49 -25.89
N LEU A 29 27.44 4.88 -24.73
CA LEU A 29 28.39 3.79 -24.72
C LEU A 29 27.72 2.44 -24.99
N GLY A 30 26.46 2.29 -24.63
CA GLY A 30 25.80 0.99 -24.66
C GLY A 30 25.50 0.43 -23.28
N ALA A 31 25.98 1.10 -22.22
CA ALA A 31 25.60 0.74 -20.87
C ALA A 31 24.11 0.48 -20.79
N ALA A 32 23.28 1.40 -21.34
CA ALA A 32 21.86 1.12 -21.61
C ALA A 32 21.70 0.93 -23.13
N SER A 33 21.51 -0.32 -23.54
CA SER A 33 21.44 -0.69 -24.94
C SER A 33 19.98 -1.02 -25.35
N LEU A 34 19.73 -1.04 -26.66
CA LEU A 34 18.39 -1.31 -27.18
C LEU A 34 17.73 -2.55 -26.57
N GLY A 35 16.48 -2.38 -26.14
CA GLY A 35 15.73 -3.46 -25.57
C GLY A 35 16.06 -3.76 -24.13
N GLU A 36 16.84 -2.91 -23.48
CA GLU A 36 17.16 -3.15 -22.09
C GLU A 36 16.27 -2.32 -21.16
N ASN A 37 15.96 -2.91 -20.02
CA ASN A 37 15.19 -2.25 -18.96
C ASN A 37 16.14 -1.57 -17.97
N LEU A 38 15.86 -0.31 -17.64
CA LEU A 38 16.65 0.39 -16.62
C LEU A 38 15.92 0.40 -15.28
N HIS A 39 15.69 -0.79 -14.74
CA HIS A 39 14.98 -0.82 -13.47
C HIS A 39 15.18 -2.19 -12.84
N PHE A 40 14.76 -2.33 -11.59
CA PHE A 40 15.04 -3.54 -10.83
C PHE A 40 14.22 -4.71 -11.35
N GLY A 41 14.74 -5.91 -11.15
CA GLY A 41 13.92 -7.09 -11.29
C GLY A 41 12.99 -7.23 -10.10
N TYR A 42 11.86 -7.89 -10.32
CA TYR A 42 10.95 -8.28 -9.24
C TYR A 42 10.84 -9.80 -9.19
N TRP A 43 11.06 -10.38 -8.00
CA TRP A 43 10.95 -11.83 -7.80
C TRP A 43 10.04 -12.14 -6.63
N ASP A 44 9.16 -13.14 -6.83
CA ASP A 44 8.19 -13.55 -5.81
C ASP A 44 8.83 -14.20 -4.59
N SER A 45 10.00 -14.83 -4.73
CA SER A 45 10.64 -15.40 -3.56
C SER A 45 12.15 -15.25 -3.71
N PRO A 46 12.89 -15.24 -2.59
CA PRO A 46 14.31 -14.86 -2.65
C PRO A 46 15.18 -15.83 -3.42
N ASP A 47 14.75 -17.07 -3.56
CA ASP A 47 15.62 -18.08 -4.15
C ASP A 47 15.25 -18.42 -5.60
N SER A 48 14.06 -18.07 -6.06
CA SER A 48 13.68 -18.32 -7.45
C SER A 48 14.79 -17.83 -8.36
N GLN A 49 15.11 -18.62 -9.38
CA GLN A 49 16.26 -18.32 -10.24
C GLN A 49 15.85 -17.74 -11.59
N VAL A 50 14.64 -17.21 -11.69
CA VAL A 50 14.18 -16.45 -12.85
C VAL A 50 15.24 -15.41 -13.18
N PRO A 51 15.73 -15.35 -14.41
CA PRO A 51 16.86 -14.47 -14.72
C PRO A 51 16.47 -12.99 -14.68
N LEU A 52 17.51 -12.16 -14.70
CA LEU A 52 17.34 -10.72 -14.51
C LEU A 52 16.39 -10.14 -15.55
N ALA A 53 16.57 -10.48 -16.81
CA ALA A 53 15.76 -9.84 -17.86
C ALA A 53 14.25 -10.10 -17.67
N GLU A 54 13.86 -11.33 -17.34
CA GLU A 54 12.44 -11.60 -17.18
C GLU A 54 11.92 -11.04 -15.88
N ALA A 55 12.79 -10.91 -14.88
CA ALA A 55 12.38 -10.27 -13.64
C ALA A 55 12.12 -8.79 -13.87
N THR A 56 12.93 -8.18 -14.72
CA THR A 56 12.77 -6.77 -15.05
C THR A 56 11.48 -6.55 -15.81
N ASP A 57 11.16 -7.45 -16.74
CA ASP A 57 9.87 -7.31 -17.41
C ASP A 57 8.74 -7.59 -16.44
N ARG A 58 8.98 -8.44 -15.45
CA ARG A 58 7.98 -8.73 -14.42
C ARG A 58 7.53 -7.45 -13.71
N LEU A 59 8.47 -6.58 -13.32
CA LEU A 59 8.09 -5.33 -12.71
C LEU A 59 7.26 -4.48 -13.68
N THR A 60 7.68 -4.41 -14.95
CA THR A 60 6.92 -3.63 -15.94
C THR A 60 5.47 -4.10 -16.01
N ASP A 61 5.26 -5.43 -16.06
CA ASP A 61 3.90 -5.93 -16.27
C ASP A 61 3.02 -5.70 -15.04
N MET A 62 3.60 -5.85 -13.85
CA MET A 62 2.88 -5.59 -12.60
C MET A 62 2.48 -4.12 -12.50
N MET A 63 3.38 -3.19 -12.88
CA MET A 63 2.98 -1.78 -12.85
C MET A 63 1.98 -1.46 -13.97
N ALA A 64 2.16 -2.05 -15.15
CA ALA A 64 1.26 -1.73 -16.25
C ALA A 64 -0.17 -2.18 -15.97
N GLU A 65 -0.35 -3.31 -15.28
CA GLU A 65 -1.72 -3.74 -14.99
C GLU A 65 -2.39 -2.80 -14.00
N ARG A 66 -1.62 -2.21 -13.06
CA ARG A 66 -2.20 -1.24 -12.16
C ARG A 66 -2.67 0.02 -12.88
N LEU A 67 -2.11 0.35 -14.05
CA LEU A 67 -2.66 1.46 -14.85
C LEU A 67 -4.12 1.20 -15.23
N ARG A 68 -4.55 -0.04 -15.31
CA ARG A 68 -5.90 -0.37 -15.71
C ARG A 68 -6.23 0.25 -17.07
N ILE A 69 -5.50 -0.22 -18.09
CA ILE A 69 -5.58 0.33 -19.44
C ILE A 69 -5.73 -0.79 -20.46
N GLY A 70 -5.98 -0.38 -21.71
CA GLY A 70 -6.27 -1.30 -22.79
C GLY A 70 -6.10 -0.65 -24.16
N ALA A 71 -6.67 -1.29 -25.17
CA ALA A 71 -6.51 -0.81 -26.54
C ALA A 71 -7.05 0.60 -26.68
N GLY A 72 -6.18 1.55 -27.01
CA GLY A 72 -6.64 2.91 -27.17
C GLY A 72 -6.56 3.76 -25.94
N SER A 73 -6.03 3.26 -24.84
CA SER A 73 -5.69 4.15 -23.75
C SER A 73 -4.51 5.02 -24.17
N ARG A 74 -4.48 6.26 -23.69
CA ARG A 74 -3.29 7.08 -23.89
C ARG A 74 -2.49 7.10 -22.60
N VAL A 75 -1.24 6.64 -22.70
CA VAL A 75 -0.37 6.41 -21.54
C VAL A 75 0.83 7.33 -21.67
N LEU A 76 1.17 8.02 -20.59
CA LEU A 76 2.35 8.86 -20.54
C LEU A 76 3.45 8.08 -19.85
N ASP A 77 4.55 7.86 -20.56
CA ASP A 77 5.72 7.13 -20.06
C ASP A 77 6.65 8.20 -19.51
N LEU A 78 6.41 8.56 -18.25
CA LEU A 78 7.06 9.71 -17.61
C LEU A 78 8.48 9.37 -17.23
N GLY A 79 9.37 9.47 -18.21
CA GLY A 79 10.77 9.19 -17.94
C GLY A 79 11.02 7.77 -18.41
N CYS A 80 11.49 7.64 -19.66
CA CYS A 80 11.25 6.45 -20.47
C CYS A 80 12.50 5.62 -20.70
N GLY A 81 13.64 6.09 -20.39
CA GLY A 81 14.80 5.34 -20.73
C GLY A 81 15.11 5.11 -22.16
N VAL A 82 15.49 3.90 -22.48
CA VAL A 82 15.80 3.54 -23.84
C VAL A 82 14.56 3.01 -24.44
N GLY A 83 13.46 3.21 -23.77
CA GLY A 83 12.20 2.82 -24.29
C GLY A 83 11.65 1.48 -24.13
N THR A 84 12.40 0.66 -23.50
CA THR A 84 11.92 -0.72 -23.48
C THR A 84 10.57 -0.93 -22.79
N PRO A 85 10.31 -0.40 -21.59
CA PRO A 85 8.97 -0.65 -21.02
C PRO A 85 7.87 0.11 -21.72
N GLY A 86 8.15 1.31 -22.23
CA GLY A 86 7.14 1.99 -23.02
C GLY A 86 6.70 1.19 -24.23
N VAL A 87 7.65 0.62 -24.99
CA VAL A 87 7.21 -0.08 -26.20
C VAL A 87 6.57 -1.41 -25.84
N ARG A 88 7.05 -2.05 -24.77
CA ARG A 88 6.43 -3.29 -24.30
C ARG A 88 4.98 -3.07 -23.93
N ILE A 89 4.67 -1.96 -23.27
CA ILE A 89 3.28 -1.70 -22.88
C ILE A 89 2.43 -1.48 -24.12
N ALA A 90 2.99 -0.83 -25.14
CA ALA A 90 2.20 -0.60 -26.35
C ALA A 90 1.95 -1.91 -27.08
N ARG A 91 2.98 -2.76 -27.14
CA ARG A 91 2.89 -4.04 -27.83
C ARG A 91 1.89 -4.99 -27.16
N LEU A 92 1.97 -5.11 -25.84
CA LEU A 92 1.14 -6.09 -25.14
C LEU A 92 -0.26 -5.60 -24.82
N SER A 93 -0.49 -4.29 -24.71
CA SER A 93 -1.79 -3.79 -24.30
C SER A 93 -2.56 -3.07 -25.40
N GLY A 94 -1.91 -2.71 -26.50
CA GLY A 94 -2.56 -1.91 -27.52
C GLY A 94 -2.78 -0.44 -27.19
N ALA A 95 -2.09 0.11 -26.18
CA ALA A 95 -2.33 1.50 -25.85
C ALA A 95 -1.45 2.42 -26.70
N HIS A 96 -1.68 3.72 -26.56
CA HIS A 96 -0.85 4.73 -27.20
C HIS A 96 0.11 5.28 -26.16
N VAL A 97 1.37 4.92 -26.27
CA VAL A 97 2.36 5.33 -25.29
C VAL A 97 3.08 6.55 -25.83
N THR A 98 3.07 7.63 -25.06
CA THR A 98 3.93 8.80 -25.28
C THR A 98 4.93 8.87 -24.14
N GLY A 99 6.21 8.74 -24.45
CA GLY A 99 7.22 8.77 -23.42
C GLY A 99 8.08 10.02 -23.50
N ILE A 100 8.79 10.33 -22.41
CA ILE A 100 9.68 11.48 -22.39
C ILE A 100 10.94 11.09 -21.64
N SER A 101 12.04 11.73 -22.01
CA SER A 101 13.26 11.69 -21.25
C SER A 101 13.91 13.07 -21.36
N VAL A 102 14.75 13.39 -20.38
CA VAL A 102 15.58 14.58 -20.50
C VAL A 102 16.87 14.25 -21.26
N SER A 103 17.18 12.98 -21.41
CA SER A 103 18.34 12.50 -22.15
C SER A 103 18.01 12.44 -23.64
N HIS A 104 18.81 13.13 -24.45
CA HIS A 104 18.57 13.12 -25.89
C HIS A 104 18.89 11.74 -26.48
N GLU A 105 20.03 11.17 -26.08
CA GLU A 105 20.40 9.86 -26.57
C GLU A 105 19.36 8.80 -26.21
N GLN A 106 18.72 8.92 -25.04
CA GLN A 106 17.68 7.97 -24.68
C GLN A 106 16.49 8.08 -25.62
N VAL A 107 16.03 9.31 -25.86
CA VAL A 107 14.93 9.53 -26.81
C VAL A 107 15.23 8.90 -28.16
N VAL A 108 16.49 8.96 -28.61
CA VAL A 108 16.84 8.37 -29.90
C VAL A 108 16.67 6.86 -29.84
N ARG A 109 17.30 6.21 -28.85
CA ARG A 109 17.14 4.77 -28.70
C ARG A 109 15.67 4.38 -28.55
N ALA A 110 14.88 5.16 -27.83
CA ALA A 110 13.48 4.77 -27.66
C ALA A 110 12.74 4.82 -28.98
N ASN A 111 12.96 5.85 -29.79
CA ASN A 111 12.27 5.84 -31.08
C ASN A 111 12.79 4.71 -31.96
N ALA A 112 14.11 4.44 -31.88
CA ALA A 112 14.68 3.30 -32.59
C ALA A 112 13.97 2.00 -32.19
N LEU A 113 13.73 1.80 -30.87
CA LEU A 113 13.09 0.56 -30.45
C LEU A 113 11.68 0.47 -30.99
N ALA A 114 10.94 1.58 -30.92
CA ALA A 114 9.58 1.58 -31.45
C ALA A 114 9.59 1.17 -32.93
N GLU A 115 10.55 1.71 -33.70
CA GLU A 115 10.60 1.38 -35.12
C GLU A 115 10.86 -0.10 -35.35
N GLU A 116 11.78 -0.69 -34.59
CA GLU A 116 12.08 -2.08 -34.87
C GLU A 116 10.94 -3.02 -34.49
N ALA A 117 10.05 -2.60 -33.60
CA ALA A 117 8.96 -3.49 -33.19
C ALA A 117 7.71 -3.35 -34.07
N GLY A 118 7.69 -2.38 -34.97
CA GLY A 118 6.52 -2.17 -35.79
C GLY A 118 5.53 -1.25 -35.16
N LEU A 119 5.94 -0.53 -34.10
CA LEU A 119 5.01 0.25 -33.30
C LEU A 119 5.35 1.74 -33.27
N ALA A 120 6.11 2.25 -34.25
CA ALA A 120 6.44 3.67 -34.26
C ALA A 120 5.21 4.56 -34.29
N ASP A 121 4.05 4.04 -34.72
CA ASP A 121 2.79 4.78 -34.66
C ASP A 121 2.11 4.71 -33.29
N ARG A 122 2.43 3.73 -32.45
CA ARG A 122 1.77 3.61 -31.15
C ARG A 122 2.68 3.87 -29.96
N ALA A 123 4.00 3.88 -30.14
CA ALA A 123 4.95 4.24 -29.08
C ALA A 123 5.81 5.39 -29.57
N ARG A 124 5.59 6.58 -29.02
CA ARG A 124 6.34 7.76 -29.42
C ARG A 124 7.15 8.30 -28.25
N PHE A 125 8.33 8.82 -28.56
CA PHE A 125 9.23 9.35 -27.54
C PHE A 125 9.75 10.72 -27.96
N GLN A 126 9.97 11.58 -26.96
CA GLN A 126 10.39 12.95 -27.25
C GLN A 126 11.15 13.47 -26.03
N ARG A 127 12.04 14.43 -26.24
CA ARG A 127 12.78 15.00 -25.12
C ARG A 127 11.94 16.03 -24.39
N ALA A 128 11.81 15.85 -23.08
CA ALA A 128 11.01 16.75 -22.25
C ALA A 128 11.31 16.46 -20.78
N ASP A 129 10.77 17.32 -19.93
CA ASP A 129 11.04 17.40 -18.50
C ASP A 129 9.69 17.34 -17.81
N ALA A 130 9.56 16.46 -16.81
CA ALA A 130 8.25 16.31 -16.18
C ALA A 130 7.88 17.50 -15.31
N MET A 131 8.85 18.37 -15.00
CA MET A 131 8.52 19.63 -14.31
C MET A 131 7.62 20.51 -15.16
N ASP A 132 7.78 20.47 -16.49
CA ASP A 132 7.00 21.31 -17.40
C ASP A 132 6.53 20.43 -18.56
N LEU A 133 5.40 19.76 -18.34
CA LEU A 133 4.92 18.77 -19.30
C LEU A 133 4.32 19.45 -20.53
N PRO A 134 4.85 19.23 -21.73
CA PRO A 134 4.28 19.87 -22.92
C PRO A 134 3.01 19.19 -23.40
N PHE A 135 2.03 19.04 -22.51
CA PHE A 135 0.81 18.32 -22.87
C PHE A 135 -0.42 19.01 -22.29
N GLU A 136 -1.52 18.95 -23.04
CA GLU A 136 -2.79 19.52 -22.61
C GLU A 136 -3.28 18.93 -21.29
N ASP A 137 -4.14 19.70 -20.61
CA ASP A 137 -4.89 19.16 -19.49
C ASP A 137 -5.72 17.95 -19.94
N GLU A 138 -5.88 16.99 -19.02
CA GLU A 138 -6.77 15.84 -19.21
C GLU A 138 -6.50 15.12 -20.53
N SER A 139 -5.23 14.98 -20.85
CA SER A 139 -4.81 14.34 -22.09
C SER A 139 -4.48 12.87 -21.91
N PHE A 140 -4.18 12.41 -20.70
CA PHE A 140 -3.70 11.04 -20.51
C PHE A 140 -4.62 10.22 -19.63
N ASP A 141 -4.95 9.01 -20.11
CA ASP A 141 -5.70 8.05 -19.31
C ASP A 141 -4.88 7.51 -18.13
N ALA A 142 -3.56 7.51 -18.23
CA ALA A 142 -2.71 6.97 -17.17
C ALA A 142 -1.30 7.46 -17.39
N VAL A 143 -0.58 7.72 -16.30
CA VAL A 143 0.84 7.99 -16.31
C VAL A 143 1.53 6.87 -15.57
N ILE A 144 2.67 6.43 -16.08
CA ILE A 144 3.53 5.53 -15.33
C ILE A 144 4.89 6.17 -15.27
N ALA A 145 5.53 6.08 -14.09
CA ALA A 145 6.82 6.73 -13.82
C ALA A 145 7.69 5.68 -13.16
N LEU A 146 8.38 4.90 -13.98
CA LEU A 146 9.01 3.67 -13.56
C LEU A 146 10.47 3.98 -13.26
N GLU A 147 10.85 3.88 -11.97
CA GLU A 147 12.15 4.37 -11.48
C GLU A 147 12.59 5.69 -12.12
N SER A 148 11.68 6.62 -12.32
CA SER A 148 12.09 7.83 -13.00
C SER A 148 12.14 9.03 -12.08
N ILE A 149 11.16 9.13 -11.16
CA ILE A 149 11.07 10.28 -10.26
C ILE A 149 12.28 10.40 -9.34
N ILE A 150 13.03 9.32 -9.12
CA ILE A 150 14.22 9.35 -8.29
C ILE A 150 15.26 10.32 -8.85
N HIS A 151 15.24 10.58 -10.16
CA HIS A 151 16.19 11.52 -10.76
C HIS A 151 15.62 12.90 -10.96
N MET A 152 14.32 13.10 -10.75
CA MET A 152 13.69 14.37 -11.10
C MET A 152 13.91 15.41 -10.01
N PRO A 153 13.90 16.68 -10.37
CA PRO A 153 14.30 17.72 -9.40
C PRO A 153 13.32 17.95 -8.24
N ASP A 154 12.00 18.03 -8.46
CA ASP A 154 11.07 18.29 -7.36
C ASP A 154 9.78 17.45 -7.48
N ARG A 155 9.54 16.54 -6.51
CA ARG A 155 8.40 15.61 -6.62
C ARG A 155 7.07 16.33 -6.59
N ALA A 156 6.91 17.33 -5.72
CA ALA A 156 5.63 18.02 -5.64
C ALA A 156 5.23 18.60 -7.00
N GLN A 157 6.15 19.31 -7.68
CA GLN A 157 5.80 19.89 -8.96
C GLN A 157 5.56 18.80 -10.01
N VAL A 158 6.45 17.80 -10.07
CA VAL A 158 6.24 16.68 -10.99
C VAL A 158 4.85 16.10 -10.80
N LEU A 159 4.45 15.89 -9.54
CA LEU A 159 3.11 15.34 -9.30
C LEU A 159 2.02 16.31 -9.75
N ALA A 160 2.22 17.62 -9.56
CA ALA A 160 1.22 18.57 -10.03
C ALA A 160 1.01 18.44 -11.53
N GLN A 161 2.10 18.37 -12.29
CA GLN A 161 1.99 18.15 -13.73
C GLN A 161 1.18 16.89 -14.05
N VAL A 162 1.56 15.75 -13.47
CA VAL A 162 0.82 14.50 -13.70
C VAL A 162 -0.65 14.71 -13.39
N GLY A 163 -0.95 15.36 -12.27
CA GLY A 163 -2.35 15.60 -11.91
C GLY A 163 -3.09 16.42 -12.95
N ARG A 164 -2.40 17.39 -13.55
CA ARG A 164 -3.06 18.26 -14.52
C ARG A 164 -3.35 17.54 -15.84
N VAL A 165 -2.43 16.67 -16.30
CA VAL A 165 -2.65 16.00 -17.58
C VAL A 165 -3.46 14.72 -17.44
N LEU A 166 -3.57 14.17 -16.23
CA LEU A 166 -4.36 12.96 -16.04
C LEU A 166 -5.83 13.24 -16.25
N ARG A 167 -6.49 12.36 -16.75
CA ARG A 167 -7.92 12.56 -16.89
C ARG A 167 -8.65 12.11 -15.63
N PRO A 168 -9.80 12.74 -15.32
CA PRO A 168 -10.63 12.26 -14.21
C PRO A 168 -10.78 10.74 -14.17
N GLY A 169 -10.40 10.11 -13.06
CA GLY A 169 -10.38 8.68 -12.97
C GLY A 169 -9.10 8.01 -13.41
N GLY A 170 -8.07 8.78 -13.83
CA GLY A 170 -6.85 8.20 -14.33
C GLY A 170 -5.87 7.93 -13.19
N ARG A 171 -4.92 7.04 -13.44
CA ARG A 171 -4.03 6.56 -12.39
C ARG A 171 -2.58 6.83 -12.72
N LEU A 172 -1.83 7.07 -11.66
CA LEU A 172 -0.39 7.27 -11.68
C LEU A 172 0.23 6.04 -11.02
N VAL A 173 1.14 5.37 -11.71
CA VAL A 173 1.86 4.24 -11.11
C VAL A 173 3.33 4.58 -11.19
N LEU A 174 3.99 4.65 -10.04
CA LEU A 174 5.42 4.96 -10.03
C LEU A 174 6.12 4.01 -9.06
N THR A 175 7.40 3.84 -9.25
CA THR A 175 8.25 3.37 -8.17
C THR A 175 9.11 4.54 -7.72
N ASP A 176 9.86 4.31 -6.65
CA ASP A 176 10.62 5.35 -5.95
C ASP A 176 11.48 4.73 -4.85
N PHE A 177 12.59 5.39 -4.53
CA PHE A 177 13.43 5.01 -3.39
C PHE A 177 12.90 5.64 -2.11
N PHE A 178 13.15 4.97 -0.98
CA PHE A 178 12.69 5.53 0.29
C PHE A 178 13.48 4.91 1.43
N GLU A 179 13.36 5.56 2.59
CA GLU A 179 14.05 5.18 3.81
C GLU A 179 13.08 4.35 4.65
N ARG A 180 13.38 3.06 4.82
CA ARG A 180 12.45 2.22 5.56
C ARG A 180 12.55 2.48 7.05
N ALA A 181 13.76 2.74 7.52
CA ALA A 181 14.09 3.03 8.91
C ALA A 181 15.46 3.71 8.89
N PRO A 182 15.77 4.51 9.92
CA PRO A 182 17.06 5.22 9.89
C PRO A 182 18.22 4.30 9.57
N LEU A 183 19.16 4.78 8.77
CA LEU A 183 20.25 3.91 8.34
C LEU A 183 21.34 3.90 9.38
N ALA A 184 21.74 2.69 9.75
CA ALA A 184 22.98 2.38 10.43
C ALA A 184 24.12 3.12 9.75
N PRO A 185 25.14 3.55 10.51
CA PRO A 185 26.26 4.28 9.88
C PRO A 185 26.90 3.51 8.74
N GLU A 186 27.13 2.20 8.90
CA GLU A 186 27.76 1.42 7.83
C GLU A 186 26.99 1.56 6.54
N GLY A 187 25.66 1.45 6.62
CA GLY A 187 24.80 1.54 5.46
C GLY A 187 25.00 2.82 4.67
N ARG A 188 24.78 3.97 5.34
CA ARG A 188 24.74 5.25 4.64
C ARG A 188 26.03 5.59 3.92
N ALA A 189 27.14 4.95 4.25
CA ALA A 189 28.32 5.02 3.40
C ALA A 189 27.98 4.67 1.95
N ALA A 190 27.44 3.46 1.73
CA ALA A 190 27.16 3.01 0.37
C ALA A 190 26.03 3.81 -0.27
N VAL A 191 24.95 4.03 0.47
CA VAL A 191 23.78 4.71 -0.06
C VAL A 191 24.10 6.15 -0.48
N GLN A 192 24.95 6.87 0.26
CA GLN A 192 25.17 8.26 -0.12
C GLN A 192 25.87 8.35 -1.46
N ARG A 193 26.93 7.56 -1.67
CA ARG A 193 27.63 7.65 -2.95
C ARG A 193 26.76 7.12 -4.10
N TYR A 194 25.80 6.24 -3.81
CA TYR A 194 24.86 5.76 -4.81
C TYR A 194 23.87 6.85 -5.23
N LEU A 195 23.25 7.52 -4.25
CA LEU A 195 22.39 8.64 -4.59
C LEU A 195 23.16 9.70 -5.36
N HIS A 196 24.38 9.99 -4.93
CA HIS A 196 25.22 10.99 -5.58
C HIS A 196 25.58 10.57 -7.00
N ASP A 197 26.19 9.38 -7.15
CA ASP A 197 26.80 8.98 -8.41
C ASP A 197 25.79 8.77 -9.55
N PHE A 198 24.49 8.79 -9.27
CA PHE A 198 23.49 8.62 -10.30
C PHE A 198 22.43 9.72 -10.26
N MET A 199 22.71 10.80 -9.53
CA MET A 199 21.83 11.96 -9.48
C MET A 199 20.41 11.56 -9.11
N MET A 200 20.28 11.05 -7.89
CA MET A 200 19.02 10.52 -7.39
C MET A 200 18.77 11.00 -5.96
N THR A 201 17.49 11.02 -5.59
CA THR A 201 17.10 11.27 -4.21
C THR A 201 16.14 10.19 -3.71
N MET A 202 15.51 10.46 -2.57
CA MET A 202 14.93 9.44 -1.70
C MET A 202 13.93 10.15 -0.80
N VAL A 203 12.86 9.44 -0.45
CA VAL A 203 11.81 10.05 0.37
C VAL A 203 11.46 9.16 1.55
N SER A 204 10.39 9.52 2.24
CA SER A 204 9.88 8.76 3.37
C SER A 204 8.45 8.33 3.07
N ALA A 205 8.07 7.15 3.56
CA ALA A 205 6.72 6.66 3.31
C ALA A 205 5.64 7.70 3.63
N GLU A 206 5.81 8.45 4.73
CA GLU A 206 4.81 9.47 5.07
C GLU A 206 4.91 10.70 4.17
N ALA A 207 6.00 10.86 3.41
CA ALA A 207 6.14 12.03 2.53
C ALA A 207 5.03 12.06 1.47
N TYR A 208 4.66 10.89 0.91
CA TYR A 208 3.85 10.84 -0.31
C TYR A 208 2.39 11.24 -0.15
N PRO A 209 1.68 10.86 0.89
CA PRO A 209 0.25 11.20 0.93
C PRO A 209 0.01 12.70 0.89
N PRO A 210 0.78 13.54 1.60
CA PRO A 210 0.66 15.00 1.35
C PRO A 210 1.10 15.42 -0.06
N LEU A 211 2.29 15.01 -0.51
CA LEU A 211 2.69 15.28 -1.90
C LEU A 211 1.58 14.94 -2.88
N LEU A 212 1.04 13.74 -2.80
CA LEU A 212 -0.06 13.37 -3.68
C LEU A 212 -1.21 14.37 -3.55
N ARG A 213 -1.56 14.75 -2.35
CA ARG A 213 -2.70 15.60 -2.13
C ARG A 213 -2.51 16.94 -2.73
N GLY A 214 -1.33 17.47 -2.55
CA GLY A 214 -1.03 18.72 -3.12
C GLY A 214 -1.38 18.74 -4.54
N ALA A 215 -1.33 17.62 -5.23
CA ALA A 215 -1.53 17.62 -6.64
C ALA A 215 -2.84 17.17 -7.06
N GLY A 216 -3.71 17.08 -6.13
CA GLY A 216 -5.04 16.62 -6.45
C GLY A 216 -5.13 15.13 -6.69
N LEU A 217 -4.24 14.35 -6.07
CA LEU A 217 -4.20 12.90 -6.25
C LEU A 217 -4.43 12.16 -4.93
N TRP A 218 -5.29 11.15 -4.98
CA TRP A 218 -5.59 10.28 -3.83
C TRP A 218 -4.72 9.03 -3.83
N LEU A 219 -4.08 8.73 -2.70
CA LEU A 219 -3.29 7.52 -2.59
C LEU A 219 -4.17 6.28 -2.66
N GLU A 220 -3.86 5.37 -3.58
CA GLU A 220 -4.62 4.14 -3.72
C GLU A 220 -3.89 2.91 -3.24
N GLU A 221 -2.56 2.87 -3.38
CA GLU A 221 -1.79 1.70 -3.00
C GLU A 221 -0.38 2.15 -2.65
N PHE A 222 0.10 1.72 -1.49
CA PHE A 222 1.51 1.83 -1.14
C PHE A 222 2.03 0.45 -0.83
N LEU A 223 3.18 0.09 -1.42
CA LEU A 223 3.67 -1.28 -1.42
C LEU A 223 5.18 -1.23 -1.28
N ASP A 224 5.69 -1.78 -0.18
CA ASP A 224 7.13 -1.95 0.00
C ASP A 224 7.55 -3.20 -0.74
N ILE A 225 8.22 -3.03 -1.86
CA ILE A 225 8.67 -4.16 -2.63
C ILE A 225 10.17 -4.38 -2.48
N SER A 226 10.77 -3.82 -1.42
CA SER A 226 12.22 -3.95 -1.23
C SER A 226 12.65 -5.40 -1.31
N ASP A 227 11.96 -6.29 -0.58
CA ASP A 227 12.51 -7.65 -0.44
C ASP A 227 12.33 -8.49 -1.68
N GLN A 228 11.67 -7.97 -2.70
CA GLN A 228 11.53 -8.68 -3.96
C GLN A 228 12.46 -8.13 -5.05
N THR A 229 13.12 -6.99 -4.80
CA THR A 229 13.81 -6.24 -5.84
C THR A 229 15.28 -6.00 -5.53
N LEU A 230 15.58 -5.39 -4.38
CA LEU A 230 16.91 -4.80 -4.17
C LEU A 230 18.00 -5.86 -4.14
N GLU A 231 17.90 -6.83 -3.25
CA GLU A 231 19.06 -7.66 -2.98
C GLU A 231 19.46 -8.50 -4.18
N LYS A 232 18.50 -9.26 -4.74
CA LYS A 232 18.80 -10.11 -5.90
C LYS A 232 19.33 -9.29 -7.09
N THR A 233 18.80 -8.08 -7.30
CA THR A 233 19.30 -7.26 -8.41
C THR A 233 20.70 -6.77 -8.14
N PHE A 234 20.92 -6.22 -6.95
CA PHE A 234 22.24 -5.69 -6.62
C PHE A 234 23.29 -6.78 -6.67
N ARG A 235 22.92 -8.02 -6.32
CA ARG A 235 23.89 -9.10 -6.25
C ARG A 235 24.29 -9.54 -7.65
N LEU A 236 23.30 -9.84 -8.50
CA LEU A 236 23.62 -10.21 -9.89
C LEU A 236 24.44 -9.11 -10.57
N LEU A 237 24.21 -7.85 -10.20
CA LEU A 237 24.94 -6.78 -10.86
C LEU A 237 26.41 -6.75 -10.43
N SER A 238 26.69 -7.05 -9.17
CA SER A 238 28.07 -7.00 -8.71
C SER A 238 28.84 -8.23 -9.16
N GLU A 239 28.16 -9.38 -9.29
CA GLU A 239 28.77 -10.62 -9.76
C GLU A 239 29.20 -10.53 -11.22
N ARG A 240 28.51 -9.73 -12.03
CA ARG A 240 28.88 -9.52 -13.42
C ARG A 240 29.71 -8.24 -13.61
N ILE A 241 29.68 -7.31 -12.64
CA ILE A 241 30.70 -6.27 -12.61
C ILE A 241 31.99 -6.82 -12.01
N ASN A 242 31.92 -7.98 -11.34
CA ASN A 242 33.13 -8.70 -10.99
C ASN A 242 33.69 -9.46 -12.18
N SER A 243 32.81 -10.03 -13.01
CA SER A 243 33.20 -10.51 -14.33
C SER A 243 34.09 -9.52 -15.09
N SER A 244 33.94 -8.23 -14.84
CA SER A 244 34.70 -7.19 -15.52
C SER A 244 36.08 -6.94 -14.90
N LYS A 245 36.90 -7.98 -14.80
CA LYS A 245 38.27 -7.76 -14.39
C LYS A 245 39.20 -7.62 -15.62
N VAL A 257 35.51 1.19 -14.07
CA VAL A 257 35.28 2.61 -14.10
C VAL A 257 35.42 3.09 -12.67
N ASN A 258 35.97 2.23 -11.79
CA ASN A 258 36.05 2.56 -10.38
C ASN A 258 34.66 2.96 -10.29
N GLN A 259 33.78 2.12 -10.82
CA GLN A 259 32.42 2.52 -10.97
C GLN A 259 31.54 2.34 -9.80
N PHE A 260 31.26 1.10 -9.44
CA PHE A 260 30.44 0.80 -8.29
C PHE A 260 30.21 -0.67 -8.10
N ASP A 261 29.91 -1.04 -6.91
CA ASP A 261 29.52 -2.39 -6.81
C ASP A 261 28.16 -1.95 -6.53
N PRO A 262 27.30 -2.82 -6.76
CA PRO A 262 26.06 -2.33 -6.28
C PRO A 262 26.03 -3.11 -4.99
N GLY A 263 27.00 -3.99 -4.83
CA GLY A 263 27.07 -4.84 -3.66
C GLY A 263 27.36 -4.26 -2.32
N ASP A 264 27.88 -3.07 -2.28
CA ASP A 264 28.07 -2.45 -1.03
C ASP A 264 26.73 -2.07 -0.53
N LEU A 265 25.72 -2.32 -1.34
CA LEU A 265 24.39 -1.95 -0.96
C LEU A 265 23.59 -3.13 -0.49
N VAL A 266 24.09 -4.31 -0.76
CA VAL A 266 23.40 -5.47 -0.30
C VAL A 266 23.55 -5.57 1.17
N GLY A 267 22.53 -6.06 1.84
CA GLY A 267 22.64 -6.10 3.28
C GLY A 267 22.43 -4.77 3.99
N VAL A 268 22.22 -3.69 3.23
CA VAL A 268 21.71 -2.45 3.83
C VAL A 268 20.19 -2.59 3.83
N LYS A 269 19.68 -3.22 4.89
CA LYS A 269 18.25 -3.57 4.89
C LYS A 269 17.32 -2.35 4.90
N GLU A 270 17.82 -1.16 5.24
CA GLU A 270 16.96 -0.01 5.51
C GLU A 270 16.73 0.84 4.29
N PHE A 271 17.53 0.64 3.25
CA PHE A 271 17.29 1.25 1.94
C PHE A 271 16.13 0.52 1.26
N GLY A 272 15.20 1.27 0.70
CA GLY A 272 13.93 0.69 0.26
C GLY A 272 13.50 1.08 -1.13
N TYR A 273 12.75 0.17 -1.74
CA TYR A 273 12.18 0.41 -3.06
C TYR A 273 10.67 0.29 -2.94
N LEU A 274 9.95 1.34 -3.37
CA LEU A 274 8.50 1.35 -3.21
C LEU A 274 7.79 1.38 -4.56
N LEU A 275 6.65 0.69 -4.62
CA LEU A 275 5.66 0.81 -5.68
C LEU A 275 4.45 1.58 -5.15
N LEU A 276 3.93 2.52 -5.94
CA LEU A 276 2.87 3.41 -5.48
C LEU A 276 1.82 3.59 -6.56
N VAL A 277 0.54 3.65 -6.17
CA VAL A 277 -0.53 3.98 -7.11
C VAL A 277 -1.43 5.07 -6.53
N ALA A 278 -1.67 6.12 -7.33
CA ALA A 278 -2.58 7.19 -6.95
C ALA A 278 -3.58 7.46 -8.07
N GLN A 279 -4.73 8.00 -7.71
CA GLN A 279 -5.78 8.27 -8.67
C GLN A 279 -6.13 9.75 -8.67
N ARG A 280 -6.69 10.20 -9.78
CA ARG A 280 -7.39 11.48 -9.88
C ARG A 280 -8.87 11.21 -9.83
N PRO A 281 -9.62 11.91 -8.98
CA PRO A 281 -11.01 11.52 -8.74
C PRO A 281 -11.91 11.66 -9.96
N GLY A 282 -12.88 10.76 -10.06
CA GLY A 282 -13.75 10.62 -11.22
C GLY A 282 -14.67 11.80 -11.40
N LEU B 6 -6.87 17.05 6.22
CA LEU B 6 -6.48 17.09 7.63
C LEU B 6 -7.71 16.84 8.50
N SER B 7 -7.48 16.47 9.78
CA SER B 7 -8.54 16.01 10.69
C SER B 7 -9.39 17.17 11.22
N GLU B 8 -10.03 17.87 10.28
CA GLU B 8 -10.79 19.08 10.60
C GLU B 8 -12.06 18.75 11.39
N LEU B 9 -12.84 17.79 10.92
CA LEU B 9 -14.03 17.29 11.61
C LEU B 9 -13.61 16.48 12.83
N PRO B 10 -14.01 16.89 14.05
CA PRO B 10 -13.36 16.38 15.28
C PRO B 10 -13.51 14.88 15.56
N MET B 11 -12.93 14.47 16.69
CA MET B 11 -12.82 13.07 17.12
C MET B 11 -13.33 12.93 18.51
N PRO B 12 -14.16 11.93 18.84
CA PRO B 12 -14.27 11.47 20.21
C PRO B 12 -12.97 10.81 20.64
N SER B 13 -12.79 10.70 21.96
CA SER B 13 -11.65 9.97 22.52
C SER B 13 -12.17 8.67 23.09
N PRO B 14 -12.29 7.59 22.28
CA PRO B 14 -13.06 6.43 22.73
C PRO B 14 -12.31 5.62 23.79
N ALA B 15 -13.06 5.16 24.79
CA ALA B 15 -12.50 4.55 25.99
C ALA B 15 -12.70 3.04 25.99
N SER B 16 -11.68 2.29 26.44
CA SER B 16 -11.62 0.84 26.26
C SER B 16 -12.76 0.09 26.94
N GLU B 17 -12.83 0.14 28.27
CA GLU B 17 -13.92 -0.50 29.00
C GLU B 17 -15.22 0.36 29.00
N GLU B 18 -15.32 1.33 28.08
CA GLU B 18 -16.55 2.03 27.73
C GLU B 18 -17.07 1.67 26.33
N VAL B 19 -16.17 1.35 25.39
CA VAL B 19 -16.56 0.77 24.09
C VAL B 19 -17.08 -0.66 24.31
N GLY B 20 -16.60 -1.33 25.35
CA GLY B 20 -17.13 -2.63 25.77
C GLY B 20 -18.52 -2.57 26.38
N ALA B 21 -19.00 -1.38 26.76
CA ALA B 21 -20.39 -1.18 27.18
C ALA B 21 -21.31 -0.89 26.00
N LEU B 22 -20.90 0.02 25.10
CA LEU B 22 -21.62 0.26 23.84
C LEU B 22 -21.85 -1.03 23.06
N TYR B 23 -21.02 -2.05 23.27
CA TYR B 23 -21.11 -3.30 22.52
C TYR B 23 -21.42 -4.53 23.37
N ASP B 24 -21.24 -4.50 24.71
CA ASP B 24 -21.99 -5.42 25.58
C ASP B 24 -23.49 -5.20 25.43
N ARG B 25 -23.90 -3.97 25.05
CA ARG B 25 -25.27 -3.62 24.68
C ARG B 25 -25.61 -4.04 23.24
N PHE B 26 -24.72 -3.78 22.29
CA PHE B 26 -25.03 -4.04 20.87
C PHE B 26 -24.67 -5.41 20.26
N THR B 27 -23.58 -6.04 20.68
CA THR B 27 -23.22 -7.38 20.18
C THR B 27 -24.01 -8.22 21.03
N ALA B 28 -25.23 -7.79 21.13
CA ALA B 28 -26.12 -8.47 21.93
C ALA B 28 -27.31 -7.62 21.62
N LEU B 29 -28.45 -8.24 21.52
CA LEU B 29 -29.73 -7.57 21.29
C LEU B 29 -29.90 -6.92 19.94
N GLY B 30 -29.38 -7.50 18.88
CA GLY B 30 -29.67 -6.91 17.59
C GLY B 30 -28.66 -6.33 16.64
N ALA B 31 -27.43 -6.08 17.07
CA ALA B 31 -26.42 -5.65 16.14
C ALA B 31 -25.59 -6.85 15.86
N ALA B 32 -25.70 -7.86 16.71
CA ALA B 32 -24.88 -9.03 16.56
C ALA B 32 -25.29 -10.11 17.49
N SER B 33 -25.84 -11.21 16.98
CA SER B 33 -26.08 -12.27 17.95
C SER B 33 -25.15 -13.48 17.76
N LEU B 34 -25.25 -14.21 16.63
CA LEU B 34 -24.77 -15.60 16.60
C LEU B 34 -24.28 -15.90 15.19
N GLY B 35 -22.98 -15.66 14.98
CA GLY B 35 -22.33 -15.89 13.71
C GLY B 35 -22.23 -14.70 12.78
N GLU B 36 -22.11 -13.48 13.31
CA GLU B 36 -22.06 -12.27 12.48
C GLU B 36 -20.68 -11.62 12.45
N ASN B 37 -20.27 -11.21 11.25
CA ASN B 37 -19.07 -10.39 11.07
C ASN B 37 -19.38 -8.93 11.42
N LEU B 38 -18.63 -8.39 12.37
CA LEU B 38 -18.78 -6.98 12.70
C LEU B 38 -17.88 -6.12 11.82
N HIS B 39 -18.03 -6.27 10.50
CA HIS B 39 -17.25 -5.43 9.60
C HIS B 39 -17.88 -5.40 8.20
N PHE B 40 -17.41 -4.41 7.43
CA PHE B 40 -17.83 -4.16 6.06
C PHE B 40 -17.62 -5.39 5.18
N GLY B 41 -18.39 -5.43 4.09
CA GLY B 41 -18.18 -6.41 3.06
C GLY B 41 -17.23 -5.90 2.00
N TYR B 42 -16.67 -6.82 1.23
CA TYR B 42 -15.80 -6.48 0.11
C TYR B 42 -16.39 -7.11 -1.14
N TRP B 43 -16.54 -6.30 -2.19
CA TRP B 43 -17.14 -6.72 -3.45
C TRP B 43 -16.21 -6.42 -4.61
N ASP B 44 -16.16 -7.34 -5.58
CA ASP B 44 -15.25 -7.22 -6.70
C ASP B 44 -15.60 -6.06 -7.62
N SER B 45 -16.88 -5.73 -7.73
CA SER B 45 -17.38 -4.63 -8.55
C SER B 45 -18.60 -4.05 -7.86
N PRO B 46 -18.81 -2.72 -7.95
CA PRO B 46 -19.94 -2.13 -7.24
C PRO B 46 -21.29 -2.70 -7.67
N ASP B 47 -21.31 -3.46 -8.76
CA ASP B 47 -22.54 -4.09 -9.23
C ASP B 47 -22.63 -5.57 -8.88
N SER B 48 -21.58 -6.15 -8.29
CA SER B 48 -21.67 -7.51 -7.75
C SER B 48 -22.79 -7.60 -6.72
N GLN B 49 -23.51 -8.71 -6.73
CA GLN B 49 -24.60 -8.86 -5.78
C GLN B 49 -24.41 -10.15 -4.99
N VAL B 50 -23.18 -10.36 -4.54
CA VAL B 50 -22.89 -11.31 -3.48
C VAL B 50 -23.63 -10.88 -2.22
N PRO B 51 -24.26 -11.77 -1.46
CA PRO B 51 -24.91 -11.34 -0.20
C PRO B 51 -23.86 -10.77 0.73
N LEU B 52 -24.35 -10.02 1.72
CA LEU B 52 -23.43 -9.38 2.65
C LEU B 52 -22.56 -10.41 3.37
N ALA B 53 -23.17 -11.51 3.83
CA ALA B 53 -22.43 -12.46 4.64
C ALA B 53 -21.17 -12.95 3.92
N GLU B 54 -21.30 -13.23 2.63
CA GLU B 54 -20.17 -13.77 1.89
C GLU B 54 -19.13 -12.70 1.59
N ALA B 55 -19.54 -11.43 1.49
CA ALA B 55 -18.57 -10.38 1.29
C ALA B 55 -17.84 -10.01 2.58
N THR B 56 -18.50 -10.14 3.74
CA THR B 56 -17.81 -9.95 5.01
C THR B 56 -16.69 -10.97 5.18
N ASP B 57 -17.00 -12.26 5.00
CA ASP B 57 -15.93 -13.27 5.07
C ASP B 57 -14.89 -13.05 3.99
N ARG B 58 -15.26 -12.43 2.88
CA ARG B 58 -14.22 -12.21 1.87
C ARG B 58 -13.17 -11.24 2.38
N LEU B 59 -13.59 -10.18 3.08
CA LEU B 59 -12.64 -9.28 3.71
C LEU B 59 -11.77 -10.01 4.74
N THR B 60 -12.40 -10.84 5.57
CA THR B 60 -11.64 -11.70 6.46
C THR B 60 -10.59 -12.48 5.68
N ASP B 61 -11.01 -13.17 4.62
CA ASP B 61 -10.07 -14.06 3.91
C ASP B 61 -8.94 -13.25 3.27
N MET B 62 -9.30 -12.14 2.64
CA MET B 62 -8.31 -11.22 2.11
C MET B 62 -7.26 -10.87 3.15
N MET B 63 -7.70 -10.57 4.38
CA MET B 63 -6.75 -10.17 5.40
C MET B 63 -6.00 -11.37 5.98
N ALA B 64 -6.67 -12.51 6.13
CA ALA B 64 -5.95 -13.66 6.67
C ALA B 64 -4.79 -14.06 5.75
N GLU B 65 -4.98 -13.99 4.44
CA GLU B 65 -3.87 -14.35 3.57
C GLU B 65 -2.68 -13.43 3.78
N ARG B 66 -2.90 -12.18 4.20
CA ARG B 66 -1.74 -11.33 4.38
C ARG B 66 -0.95 -11.67 5.63
N LEU B 67 -1.57 -12.36 6.59
CA LEU B 67 -0.84 -12.83 7.78
C LEU B 67 0.26 -13.84 7.44
N ARG B 68 0.12 -14.58 6.33
CA ARG B 68 1.09 -15.63 5.95
C ARG B 68 1.27 -16.67 7.05
N ILE B 69 0.19 -17.38 7.34
CA ILE B 69 0.13 -18.33 8.45
C ILE B 69 -0.35 -19.69 7.96
N GLY B 70 -0.24 -20.67 8.85
CA GLY B 70 -0.63 -22.03 8.50
C GLY B 70 -0.93 -22.78 9.77
N ALA B 71 -1.12 -24.10 9.68
CA ALA B 71 -1.36 -24.87 10.89
C ALA B 71 -0.18 -24.72 11.85
N GLY B 72 -0.48 -24.58 13.13
CA GLY B 72 0.55 -24.33 14.14
C GLY B 72 1.01 -22.88 14.27
N SER B 73 0.64 -22.00 13.32
CA SER B 73 0.88 -20.58 13.49
C SER B 73 0.08 -20.06 14.67
N ARG B 74 0.67 -19.12 15.42
CA ARG B 74 0.00 -18.45 16.54
C ARG B 74 -0.48 -17.07 16.11
N VAL B 75 -1.79 -16.86 16.03
CA VAL B 75 -2.35 -15.59 15.59
C VAL B 75 -3.02 -14.91 16.78
N LEU B 76 -2.76 -13.60 16.97
CA LEU B 76 -3.48 -12.78 17.94
C LEU B 76 -4.60 -12.02 17.24
N ASP B 77 -5.82 -12.18 17.72
CA ASP B 77 -7.02 -11.56 17.13
C ASP B 77 -7.37 -10.33 17.97
N LEU B 78 -6.86 -9.15 17.57
CA LEU B 78 -6.96 -7.91 18.36
C LEU B 78 -8.32 -7.25 18.14
N GLY B 79 -9.26 -7.53 19.04
CA GLY B 79 -10.58 -6.94 18.91
C GLY B 79 -11.33 -7.97 18.11
N CYS B 80 -12.06 -8.84 18.78
CA CYS B 80 -12.48 -10.08 18.16
C CYS B 80 -13.95 -10.14 17.92
N GLY B 81 -14.67 -9.09 18.28
CA GLY B 81 -16.11 -9.11 18.10
C GLY B 81 -16.72 -10.31 18.78
N VAL B 82 -17.74 -10.86 18.13
CA VAL B 82 -18.40 -12.06 18.64
C VAL B 82 -17.73 -13.28 18.04
N GLY B 83 -16.55 -13.10 17.45
CA GLY B 83 -15.66 -14.19 17.16
C GLY B 83 -15.71 -14.76 15.75
N THR B 84 -16.55 -14.22 14.87
CA THR B 84 -16.72 -14.86 13.56
C THR B 84 -15.42 -14.89 12.76
N PRO B 85 -14.65 -13.80 12.61
CA PRO B 85 -13.41 -13.94 11.86
C PRO B 85 -12.40 -14.80 12.56
N GLY B 86 -12.36 -14.77 13.90
CA GLY B 86 -11.34 -15.52 14.62
C GLY B 86 -11.51 -17.02 14.42
N VAL B 87 -12.72 -17.52 14.60
CA VAL B 87 -12.88 -18.96 14.43
C VAL B 87 -12.85 -19.33 12.96
N ARG B 88 -13.21 -18.41 12.06
CA ARG B 88 -13.06 -18.70 10.63
C ARG B 88 -11.61 -18.99 10.28
N ILE B 89 -10.69 -18.13 10.75
CA ILE B 89 -9.28 -18.28 10.45
C ILE B 89 -8.74 -19.59 11.00
N ALA B 90 -9.14 -19.95 12.24
CA ALA B 90 -8.62 -21.17 12.82
C ALA B 90 -9.17 -22.40 12.10
N ARG B 91 -10.42 -22.33 11.64
CA ARG B 91 -11.01 -23.45 10.92
C ARG B 91 -10.43 -23.58 9.51
N LEU B 92 -10.28 -22.47 8.78
CA LEU B 92 -9.82 -22.62 7.41
C LEU B 92 -8.32 -22.78 7.31
N SER B 93 -7.57 -22.20 8.24
CA SER B 93 -6.14 -22.27 8.12
C SER B 93 -5.49 -23.25 9.09
N GLY B 94 -6.22 -23.72 10.12
CA GLY B 94 -5.68 -24.53 11.18
C GLY B 94 -4.70 -23.83 12.14
N ALA B 95 -4.35 -22.56 11.88
CA ALA B 95 -3.62 -21.75 12.84
C ALA B 95 -4.32 -21.69 14.19
N HIS B 96 -3.55 -21.40 15.23
CA HIS B 96 -4.12 -21.13 16.56
C HIS B 96 -4.42 -19.64 16.74
N VAL B 97 -5.59 -19.35 17.28
CA VAL B 97 -6.06 -17.98 17.43
C VAL B 97 -6.31 -17.70 18.91
N THR B 98 -5.62 -16.69 19.45
CA THR B 98 -5.98 -16.03 20.70
C THR B 98 -6.63 -14.69 20.33
N GLY B 99 -7.92 -14.55 20.59
CA GLY B 99 -8.58 -13.26 20.46
C GLY B 99 -8.81 -12.59 21.80
N ILE B 100 -8.74 -11.25 21.81
CA ILE B 100 -9.02 -10.43 22.98
C ILE B 100 -10.19 -9.50 22.66
N SER B 101 -11.04 -9.31 23.67
CA SER B 101 -12.06 -8.26 23.63
C SER B 101 -12.14 -7.61 25.01
N VAL B 102 -12.67 -6.39 25.03
CA VAL B 102 -12.90 -5.72 26.31
C VAL B 102 -14.33 -5.91 26.79
N SER B 103 -15.22 -6.42 25.93
CA SER B 103 -16.60 -6.73 26.31
C SER B 103 -16.72 -8.17 26.81
N HIS B 104 -17.45 -8.35 27.91
CA HIS B 104 -17.70 -9.68 28.45
C HIS B 104 -18.62 -10.49 27.52
N GLU B 105 -19.69 -9.86 27.02
CA GLU B 105 -20.60 -10.57 26.12
C GLU B 105 -19.86 -11.06 24.90
N GLN B 106 -18.90 -10.27 24.42
CA GLN B 106 -18.16 -10.68 23.24
C GLN B 106 -17.33 -11.93 23.53
N VAL B 107 -16.57 -11.92 24.63
CA VAL B 107 -15.79 -13.12 24.97
C VAL B 107 -16.70 -14.32 25.09
N VAL B 108 -17.82 -14.17 25.78
CA VAL B 108 -18.74 -15.29 25.94
C VAL B 108 -19.23 -15.80 24.58
N ARG B 109 -19.59 -14.88 23.67
CA ARG B 109 -20.16 -15.32 22.40
C ARG B 109 -19.11 -15.93 21.49
N ALA B 110 -17.91 -15.34 21.45
CA ALA B 110 -16.85 -15.93 20.64
C ALA B 110 -16.45 -17.32 21.15
N ASN B 111 -16.36 -17.51 22.47
CA ASN B 111 -16.03 -18.84 22.95
C ASN B 111 -17.13 -19.84 22.58
N ALA B 112 -18.38 -19.39 22.54
CA ALA B 112 -19.47 -20.26 22.09
C ALA B 112 -19.32 -20.62 20.62
N LEU B 113 -18.87 -19.68 19.81
CA LEU B 113 -18.73 -19.96 18.40
C LEU B 113 -17.63 -20.98 18.17
N ALA B 114 -16.50 -20.80 18.86
CA ALA B 114 -15.42 -21.77 18.79
C ALA B 114 -15.92 -23.14 19.21
N GLU B 115 -16.71 -23.21 20.28
CA GLU B 115 -17.18 -24.51 20.74
C GLU B 115 -18.16 -25.13 19.75
N GLU B 116 -19.10 -24.33 19.24
CA GLU B 116 -20.01 -24.86 18.23
C GLU B 116 -19.23 -25.39 17.02
N ALA B 117 -18.11 -24.77 16.69
CA ALA B 117 -17.30 -25.23 15.59
C ALA B 117 -16.53 -26.51 15.90
N GLY B 118 -16.52 -26.95 17.15
CA GLY B 118 -15.70 -28.08 17.49
C GLY B 118 -14.22 -27.76 17.57
N LEU B 119 -13.88 -26.55 18.02
CA LEU B 119 -12.55 -25.98 17.94
C LEU B 119 -12.18 -25.22 19.23
N ALA B 120 -12.82 -25.56 20.36
CA ALA B 120 -12.68 -24.74 21.57
C ALA B 120 -11.23 -24.58 22.01
N ASP B 121 -10.29 -25.34 21.47
CA ASP B 121 -8.90 -25.24 21.87
C ASP B 121 -8.04 -24.62 20.80
N ARG B 122 -8.49 -24.62 19.57
CA ARG B 122 -7.75 -23.94 18.53
C ARG B 122 -8.03 -22.44 18.58
N ALA B 123 -9.28 -22.03 18.85
CA ALA B 123 -9.67 -20.62 18.99
C ALA B 123 -10.17 -20.35 20.41
N ARG B 124 -9.37 -19.61 21.20
CA ARG B 124 -9.68 -19.27 22.59
C ARG B 124 -9.77 -17.75 22.72
N PHE B 125 -10.84 -17.30 23.35
CA PHE B 125 -11.09 -15.87 23.47
C PHE B 125 -11.07 -15.47 24.93
N GLN B 126 -10.60 -14.25 25.15
CA GLN B 126 -10.08 -13.82 26.44
C GLN B 126 -10.41 -12.35 26.66
N ARG B 127 -10.76 -12.02 27.89
CA ARG B 127 -10.92 -10.63 28.26
C ARG B 127 -9.53 -10.00 28.41
N ALA B 128 -9.24 -8.98 27.61
CA ALA B 128 -7.96 -8.29 27.62
C ALA B 128 -8.08 -7.02 26.80
N ASP B 129 -7.17 -6.07 27.02
CA ASP B 129 -7.22 -4.73 26.45
C ASP B 129 -5.96 -4.50 25.62
N ALA B 130 -6.13 -4.21 24.33
CA ALA B 130 -4.95 -4.02 23.47
C ALA B 130 -4.05 -2.87 23.90
N MET B 131 -4.51 -2.01 24.83
CA MET B 131 -3.65 -0.96 25.37
C MET B 131 -2.59 -1.52 26.27
N ASP B 132 -2.79 -2.75 26.73
CA ASP B 132 -1.90 -3.36 27.71
C ASP B 132 -2.05 -4.87 27.55
N LEU B 133 -1.19 -5.48 26.75
CA LEU B 133 -1.45 -6.84 26.28
C LEU B 133 -0.88 -7.84 27.27
N PRO B 134 -1.68 -8.73 27.84
CA PRO B 134 -1.19 -9.67 28.87
C PRO B 134 -0.54 -10.92 28.25
N PHE B 135 0.43 -10.69 27.38
CA PHE B 135 1.11 -11.77 26.67
C PHE B 135 2.59 -11.43 26.62
N GLU B 136 3.41 -12.46 26.69
CA GLU B 136 4.84 -12.21 26.74
C GLU B 136 5.35 -11.78 25.37
N ASP B 137 6.49 -11.08 25.38
CA ASP B 137 7.15 -10.69 24.16
C ASP B 137 7.24 -11.85 23.18
N GLU B 138 7.08 -11.53 21.89
CA GLU B 138 7.38 -12.46 20.81
C GLU B 138 6.62 -13.77 20.95
N SER B 139 5.37 -13.67 21.38
CA SER B 139 4.48 -14.81 21.49
C SER B 139 3.58 -15.03 20.28
N PHE B 140 3.60 -14.15 19.27
CA PHE B 140 2.69 -14.30 18.15
C PHE B 140 3.41 -14.21 16.79
N ASP B 141 2.93 -15.05 15.86
CA ASP B 141 3.43 -15.10 14.50
C ASP B 141 2.81 -14.02 13.63
N ALA B 142 1.60 -13.59 14.00
CA ALA B 142 0.80 -12.66 13.23
C ALA B 142 -0.20 -12.05 14.17
N VAL B 143 -0.65 -10.83 13.82
CA VAL B 143 -1.72 -10.13 14.50
C VAL B 143 -2.69 -9.58 13.46
N ILE B 144 -3.97 -9.83 13.64
CA ILE B 144 -4.99 -9.22 12.80
C ILE B 144 -5.85 -8.31 13.68
N ALA B 145 -6.07 -7.08 13.23
CA ALA B 145 -7.01 -6.19 13.90
C ALA B 145 -8.04 -5.85 12.83
N LEU B 146 -9.14 -6.55 12.85
CA LEU B 146 -10.15 -6.39 11.82
C LEU B 146 -11.21 -5.41 12.33
N GLU B 147 -11.27 -4.22 11.71
CA GLU B 147 -12.19 -3.11 12.10
C GLU B 147 -12.22 -2.85 13.59
N SER B 148 -11.07 -2.75 14.17
CA SER B 148 -11.06 -2.69 15.62
C SER B 148 -10.13 -1.64 16.20
N ILE B 149 -9.04 -1.28 15.53
CA ILE B 149 -8.20 -0.19 16.03
C ILE B 149 -8.96 1.14 15.97
N ILE B 150 -10.01 1.22 15.16
CA ILE B 150 -10.87 2.39 15.12
C ILE B 150 -11.41 2.73 16.52
N HIS B 151 -11.84 1.70 17.26
CA HIS B 151 -12.40 1.88 18.59
C HIS B 151 -11.33 2.03 19.66
N MET B 152 -10.09 2.14 19.30
CA MET B 152 -9.19 2.07 20.44
C MET B 152 -8.66 3.45 20.78
N PRO B 153 -8.38 3.71 22.06
CA PRO B 153 -8.02 5.08 22.48
C PRO B 153 -6.81 5.66 21.75
N ASP B 154 -5.63 5.06 21.94
CA ASP B 154 -4.40 5.60 21.39
C ASP B 154 -3.76 4.60 20.42
N ARG B 155 -3.82 4.92 19.12
CA ARG B 155 -3.18 4.03 18.14
C ARG B 155 -1.71 3.81 18.44
N ALA B 156 -1.01 4.82 18.96
CA ALA B 156 0.43 4.63 19.19
C ALA B 156 0.68 3.54 20.23
N GLN B 157 -0.11 3.50 21.30
CA GLN B 157 0.15 2.53 22.36
C GLN B 157 -0.14 1.11 21.88
N VAL B 158 -1.34 0.93 21.34
CA VAL B 158 -1.75 -0.33 20.73
C VAL B 158 -0.66 -0.84 19.78
N LEU B 159 -0.19 0.02 18.86
CA LEU B 159 0.82 -0.43 17.91
C LEU B 159 2.12 -0.85 18.60
N ALA B 160 2.51 -0.19 19.68
CA ALA B 160 3.69 -0.65 20.43
C ALA B 160 3.44 -1.99 21.12
N GLN B 161 2.24 -2.22 21.62
CA GLN B 161 1.92 -3.51 22.20
C GLN B 161 2.03 -4.61 21.13
N VAL B 162 1.42 -4.37 19.95
CA VAL B 162 1.50 -5.32 18.86
C VAL B 162 2.96 -5.61 18.51
N GLY B 163 3.77 -4.56 18.39
CA GLY B 163 5.15 -4.76 18.02
C GLY B 163 5.98 -5.50 19.05
N ARG B 164 5.54 -5.50 20.31
CA ARG B 164 6.28 -6.22 21.34
C ARG B 164 5.96 -7.71 21.28
N VAL B 165 4.68 -8.05 21.16
CA VAL B 165 4.23 -9.43 21.14
C VAL B 165 4.44 -10.10 19.79
N LEU B 166 4.67 -9.34 18.72
CA LEU B 166 4.93 -9.95 17.43
C LEU B 166 6.33 -10.55 17.42
N ARG B 167 6.46 -11.80 16.96
CA ARG B 167 7.78 -12.36 16.74
C ARG B 167 8.45 -11.64 15.58
N PRO B 168 9.79 -11.65 15.51
CA PRO B 168 10.45 -11.01 14.35
C PRO B 168 10.11 -11.74 13.05
N GLY B 169 9.82 -10.95 12.02
CA GLY B 169 9.23 -11.45 10.80
C GLY B 169 7.73 -11.58 10.84
N GLY B 170 7.10 -11.37 12.00
CA GLY B 170 5.66 -11.41 12.07
C GLY B 170 5.04 -10.25 11.32
N ARG B 171 3.72 -10.32 11.13
CA ARG B 171 3.02 -9.31 10.35
C ARG B 171 1.74 -8.92 11.06
N LEU B 172 1.46 -7.62 11.01
CA LEU B 172 0.20 -7.02 11.44
C LEU B 172 -0.58 -6.64 10.19
N VAL B 173 -1.84 -7.08 10.13
CA VAL B 173 -2.77 -6.65 9.09
C VAL B 173 -3.98 -6.10 9.81
N LEU B 174 -4.46 -4.92 9.36
CA LEU B 174 -5.55 -4.21 10.01
C LEU B 174 -6.37 -3.41 8.99
N THR B 175 -7.59 -3.07 9.38
CA THR B 175 -8.34 -2.03 8.71
C THR B 175 -8.54 -0.84 9.65
N ASP B 176 -8.93 0.30 9.07
CA ASP B 176 -9.01 1.59 9.76
C ASP B 176 -9.70 2.62 8.87
N PHE B 177 -10.33 3.62 9.52
CA PHE B 177 -10.92 4.74 8.80
C PHE B 177 -9.87 5.82 8.57
N PHE B 178 -9.94 6.48 7.40
CA PHE B 178 -9.01 7.58 7.11
C PHE B 178 -9.66 8.57 6.15
N GLU B 179 -9.00 9.73 6.01
CA GLU B 179 -9.52 10.87 5.27
C GLU B 179 -8.84 10.90 3.90
N ARG B 180 -9.59 10.52 2.85
CA ARG B 180 -8.97 10.36 1.54
C ARG B 180 -8.50 11.70 1.00
N ALA B 181 -9.15 12.77 1.45
CA ALA B 181 -8.90 14.16 1.13
C ALA B 181 -9.83 14.96 2.02
N PRO B 182 -9.55 16.28 2.27
CA PRO B 182 -10.43 17.09 3.13
C PRO B 182 -11.90 16.89 2.82
N LEU B 183 -12.73 16.84 3.87
CA LEU B 183 -14.12 16.44 3.72
C LEU B 183 -14.98 17.60 3.24
N ALA B 184 -15.95 17.29 2.36
CA ALA B 184 -17.02 18.22 2.01
C ALA B 184 -17.71 18.63 3.30
N PRO B 185 -18.23 19.86 3.41
CA PRO B 185 -18.91 20.24 4.65
C PRO B 185 -20.21 19.50 4.90
N GLU B 186 -20.99 19.17 3.86
CA GLU B 186 -22.24 18.44 4.08
C GLU B 186 -21.97 17.05 4.66
N GLY B 187 -20.81 16.47 4.34
CA GLY B 187 -20.50 15.13 4.78
C GLY B 187 -20.01 15.04 6.21
N ARG B 188 -19.30 16.07 6.69
CA ARG B 188 -18.67 15.98 8.02
C ARG B 188 -19.69 15.83 9.13
N ALA B 189 -20.94 16.23 8.88
CA ALA B 189 -21.99 16.00 9.87
C ALA B 189 -22.17 14.50 10.11
N ALA B 190 -22.34 13.74 9.02
CA ALA B 190 -22.53 12.30 9.15
C ALA B 190 -21.23 11.59 9.47
N VAL B 191 -20.07 12.14 9.10
CA VAL B 191 -18.86 11.42 9.49
C VAL B 191 -18.56 11.60 10.98
N GLN B 192 -18.93 12.73 11.63
CA GLN B 192 -18.76 12.70 13.08
C GLN B 192 -19.96 12.10 13.81
N ARG B 193 -21.14 12.05 13.22
CA ARG B 193 -22.21 11.33 13.90
C ARG B 193 -21.83 9.85 14.02
N TYR B 194 -21.20 9.30 12.99
CA TYR B 194 -20.66 7.94 13.05
C TYR B 194 -19.54 7.85 14.07
N LEU B 195 -18.46 8.60 13.84
CA LEU B 195 -17.27 8.49 14.69
C LEU B 195 -17.61 8.68 16.17
N HIS B 196 -18.63 9.49 16.47
CA HIS B 196 -18.99 9.78 17.84
C HIS B 196 -19.99 8.77 18.39
N ASP B 197 -21.00 8.36 17.60
CA ASP B 197 -22.01 7.46 18.14
C ASP B 197 -21.49 6.04 18.33
N PHE B 198 -20.39 5.67 17.68
CA PHE B 198 -19.75 4.39 17.97
C PHE B 198 -18.30 4.57 18.39
N MET B 199 -17.97 5.74 18.94
CA MET B 199 -16.72 5.96 19.65
C MET B 199 -15.53 5.53 18.79
N MET B 200 -15.36 6.22 17.67
CA MET B 200 -14.31 5.93 16.71
C MET B 200 -13.50 7.18 16.42
N THR B 201 -12.24 6.98 16.10
CA THR B 201 -11.40 8.03 15.56
C THR B 201 -10.97 7.64 14.15
N MET B 202 -10.09 8.45 13.57
CA MET B 202 -9.82 8.41 12.14
C MET B 202 -8.51 9.12 11.90
N VAL B 203 -7.57 8.49 11.20
CA VAL B 203 -6.23 9.07 11.14
C VAL B 203 -5.95 9.61 9.75
N SER B 204 -4.81 10.24 9.58
CA SER B 204 -4.33 10.67 8.28
C SER B 204 -3.40 9.59 7.72
N ALA B 205 -3.45 9.40 6.40
CA ALA B 205 -2.70 8.32 5.77
C ALA B 205 -1.23 8.38 6.14
N GLU B 206 -0.62 9.57 6.07
CA GLU B 206 0.79 9.70 6.45
C GLU B 206 1.01 9.58 7.96
N ALA B 207 -0.06 9.46 8.76
CA ALA B 207 0.13 9.21 10.19
C ALA B 207 0.76 7.84 10.44
N TYR B 208 0.46 6.85 9.60
CA TYR B 208 0.81 5.46 9.93
C TYR B 208 2.28 5.10 9.80
N PRO B 209 3.03 5.56 8.80
CA PRO B 209 4.46 5.20 8.73
C PRO B 209 5.21 5.55 10.00
N PRO B 210 5.09 6.78 10.55
CA PRO B 210 5.88 7.07 11.75
C PRO B 210 5.29 6.42 13.01
N LEU B 211 3.95 6.31 13.08
CA LEU B 211 3.33 5.48 14.11
C LEU B 211 3.92 4.07 14.11
N LEU B 212 3.88 3.40 12.95
CA LEU B 212 4.41 2.05 12.82
C LEU B 212 5.89 2.00 13.16
N ARG B 213 6.67 2.95 12.63
CA ARG B 213 8.11 2.93 12.91
C ARG B 213 8.37 3.09 14.41
N GLY B 214 7.55 3.89 15.10
CA GLY B 214 7.65 4.01 16.54
C GLY B 214 7.52 2.69 17.27
N ALA B 215 6.68 1.80 16.75
CA ALA B 215 6.39 0.54 17.41
C ALA B 215 7.24 -0.61 16.91
N GLY B 216 8.23 -0.34 16.06
CA GLY B 216 9.12 -1.37 15.55
C GLY B 216 8.68 -2.05 14.26
N LEU B 217 7.56 -1.65 13.67
CA LEU B 217 7.07 -2.23 12.42
C LEU B 217 7.38 -1.33 11.22
N TRP B 218 7.58 -1.98 10.07
CA TRP B 218 7.75 -1.31 8.77
C TRP B 218 6.49 -1.49 7.94
N LEU B 219 5.95 -0.40 7.44
CA LEU B 219 4.78 -0.51 6.58
C LEU B 219 5.12 -1.40 5.38
N GLU B 220 4.26 -2.37 5.10
CA GLU B 220 4.41 -3.21 3.92
C GLU B 220 3.38 -2.91 2.85
N GLU B 221 2.16 -2.57 3.24
CA GLU B 221 1.09 -2.37 2.27
C GLU B 221 0.05 -1.41 2.84
N PHE B 222 -0.27 -0.39 2.05
CA PHE B 222 -1.40 0.49 2.32
C PHE B 222 -2.28 0.47 1.07
N LEU B 223 -3.54 0.16 1.28
CA LEU B 223 -4.46 -0.18 0.21
C LEU B 223 -5.79 0.46 0.56
N ASP B 224 -6.21 1.43 -0.24
CA ASP B 224 -7.52 2.06 -0.11
C ASP B 224 -8.54 1.08 -0.66
N ILE B 225 -9.36 0.53 0.21
CA ILE B 225 -10.43 -0.32 -0.27
C ILE B 225 -11.79 0.37 -0.13
N SER B 226 -11.81 1.71 -0.03
CA SER B 226 -13.07 2.43 0.14
C SER B 226 -14.07 2.11 -0.95
N ASP B 227 -13.63 2.03 -2.21
CA ASP B 227 -14.60 1.85 -3.28
C ASP B 227 -15.13 0.42 -3.39
N GLN B 228 -14.58 -0.53 -2.64
CA GLN B 228 -15.06 -1.91 -2.64
C GLN B 228 -15.81 -2.28 -1.36
N THR B 229 -15.87 -1.38 -0.37
CA THR B 229 -16.40 -1.69 0.95
C THR B 229 -17.55 -0.79 1.39
N LEU B 230 -17.35 0.54 1.40
CA LEU B 230 -18.18 1.45 2.19
C LEU B 230 -19.60 1.55 1.63
N GLU B 231 -19.73 1.91 0.35
CA GLU B 231 -21.04 2.25 -0.18
C GLU B 231 -21.99 1.07 -0.12
N LYS B 232 -21.57 -0.08 -0.64
CA LYS B 232 -22.49 -1.22 -0.76
C LYS B 232 -22.95 -1.71 0.61
N THR B 233 -22.05 -1.68 1.60
CA THR B 233 -22.44 -2.05 2.95
C THR B 233 -23.42 -1.03 3.53
N PHE B 234 -23.16 0.26 3.33
CA PHE B 234 -24.04 1.26 3.88
C PHE B 234 -25.43 1.19 3.24
N ARG B 235 -25.49 0.98 1.93
CA ARG B 235 -26.78 0.70 1.29
C ARG B 235 -27.46 -0.49 1.94
N LEU B 236 -26.81 -1.65 1.92
CA LEU B 236 -27.45 -2.87 2.37
C LEU B 236 -27.91 -2.76 3.81
N LEU B 237 -27.23 -1.94 4.64
CA LEU B 237 -27.64 -1.80 6.03
C LEU B 237 -28.82 -0.84 6.19
N SER B 238 -28.79 0.31 5.51
CA SER B 238 -29.91 1.26 5.62
C SER B 238 -31.18 0.68 5.02
N GLU B 239 -31.06 -0.17 3.98
CA GLU B 239 -32.24 -0.85 3.46
C GLU B 239 -32.78 -1.86 4.48
N ARG B 240 -31.91 -2.44 5.31
CA ARG B 240 -32.39 -3.24 6.44
C ARG B 240 -33.14 -2.36 7.43
N ILE B 241 -32.44 -1.39 8.03
CA ILE B 241 -32.98 -0.64 9.18
C ILE B 241 -34.30 0.04 8.83
N ASN B 242 -34.45 0.53 7.59
CA ASN B 242 -35.62 1.31 7.20
C ASN B 242 -36.79 0.45 6.74
N SER B 243 -36.52 -0.78 6.30
CA SER B 243 -37.57 -1.73 5.97
C SER B 243 -38.13 -2.43 7.19
N SER B 244 -37.78 -1.97 8.40
CA SER B 244 -38.20 -2.56 9.68
C SER B 244 -38.76 -1.49 10.62
N LYS B 245 -39.71 -0.69 10.12
CA LYS B 245 -40.63 0.14 10.93
C LYS B 245 -40.06 0.70 12.25
N VAL B 257 -31.41 0.09 19.04
CA VAL B 257 -32.59 0.80 18.56
C VAL B 257 -32.40 2.30 18.62
N ASN B 258 -32.12 2.89 17.47
CA ASN B 258 -32.00 4.33 17.40
C ASN B 258 -31.83 4.79 15.99
N GLN B 259 -31.63 6.04 15.91
CA GLN B 259 -31.62 6.43 14.57
C GLN B 259 -30.26 6.44 13.89
N PHE B 260 -29.43 5.45 14.06
CA PHE B 260 -28.17 5.47 13.29
C PHE B 260 -28.37 5.32 11.75
N ASP B 261 -28.03 6.37 10.98
CA ASP B 261 -28.24 6.35 9.53
C ASP B 261 -27.00 6.13 8.70
N PRO B 262 -26.98 5.04 7.93
CA PRO B 262 -25.79 4.76 7.16
C PRO B 262 -25.74 5.65 5.97
N GLY B 263 -26.88 5.85 5.39
CA GLY B 263 -26.87 6.63 4.20
C GLY B 263 -26.33 7.98 4.20
N ASP B 264 -26.36 8.58 5.33
CA ASP B 264 -25.87 9.86 5.30
C ASP B 264 -24.45 9.70 4.94
N LEU B 265 -23.99 8.47 4.73
CA LEU B 265 -22.56 8.48 4.50
C LEU B 265 -22.38 8.04 3.12
N VAL B 266 -23.30 7.24 2.64
CA VAL B 266 -23.25 6.91 1.26
C VAL B 266 -22.90 8.16 0.48
N GLY B 267 -21.87 8.11 -0.31
CA GLY B 267 -21.49 9.22 -1.15
C GLY B 267 -20.69 10.33 -0.49
N VAL B 268 -20.37 10.26 0.81
CA VAL B 268 -19.46 11.31 1.27
C VAL B 268 -18.07 10.83 0.90
N LYS B 269 -17.72 11.05 -0.37
CA LYS B 269 -16.74 10.23 -1.05
C LYS B 269 -15.34 10.35 -0.43
N GLU B 270 -15.09 11.35 0.40
CA GLU B 270 -13.77 11.55 0.97
C GLU B 270 -13.52 10.66 2.17
N PHE B 271 -14.56 9.98 2.67
CA PHE B 271 -14.45 9.06 3.80
C PHE B 271 -13.83 7.74 3.34
N GLY B 272 -12.87 7.23 4.12
CA GLY B 272 -11.99 6.19 3.63
C GLY B 272 -11.68 5.01 4.54
N TYR B 273 -11.66 3.84 3.92
CA TYR B 273 -11.41 2.58 4.62
C TYR B 273 -10.18 1.96 4.00
N LEU B 274 -9.21 1.61 4.84
CA LEU B 274 -7.88 1.20 4.39
C LEU B 274 -7.53 -0.17 4.96
N LEU B 275 -6.89 -0.99 4.14
CA LEU B 275 -6.27 -2.23 4.57
C LEU B 275 -4.78 -1.95 4.69
N LEU B 276 -4.19 -2.31 5.82
CA LEU B 276 -2.77 -2.03 6.05
C LEU B 276 -2.07 -3.31 6.45
N VAL B 277 -0.83 -3.43 6.03
CA VAL B 277 0.01 -4.54 6.44
C VAL B 277 1.35 -3.97 6.86
N ALA B 278 1.76 -4.28 8.10
CA ALA B 278 3.08 -3.92 8.57
C ALA B 278 3.79 -5.19 8.99
N GLN B 279 5.11 -5.10 9.06
CA GLN B 279 5.94 -6.25 9.33
C GLN B 279 6.97 -5.87 10.40
N ARG B 280 7.26 -6.81 11.29
CA ARG B 280 8.34 -6.58 12.24
C ARG B 280 9.64 -7.16 11.70
N PRO B 281 10.68 -6.34 11.47
CA PRO B 281 11.90 -6.83 10.81
C PRO B 281 12.49 -8.04 11.50
N GLY B 282 13.19 -8.86 10.72
CA GLY B 282 13.70 -10.17 11.09
C GLY B 282 13.02 -11.22 10.24
N LYS B 283 13.18 -12.47 10.66
CA LYS B 283 12.51 -13.55 10.01
C LYS B 283 12.08 -14.67 10.89
N HIS B 284 11.10 -15.43 10.45
CA HIS B 284 10.46 -16.47 11.24
C HIS B 284 10.76 -17.94 11.05
N HIS B 285 10.32 -18.80 11.96
CA HIS B 285 10.48 -20.27 11.89
C HIS B 285 9.83 -20.87 10.63
#